data_5MHG
#
_entry.id   5MHG
#
_cell.length_a   131.767
_cell.length_b   56.992
_cell.length_c   61.993
_cell.angle_alpha   90.00
_cell.angle_beta   98.39
_cell.angle_gamma   90.00
#
_symmetry.space_group_name_H-M   'C 1 2 1'
#
loop_
_entity.id
_entity.type
_entity.pdbx_description
1 polymer Fab-Fragment
2 polymer Fab-Fragment
3 non-polymer 'SULFATE ION'
4 non-polymer TETRAIODOBISPHENOLA
#
loop_
_entity_poly.entity_id
_entity_poly.type
_entity_poly.pdbx_seq_one_letter_code
_entity_poly.pdbx_strand_id
1 'polypeptide(L)'
;DIVLNQSPAIMSASPGEKVTMTCNSSSSVSYMHWYQHKPGSSPRLLIYDTSNLASGVPARFSGSGSGTSYSLTISRMEAE
DAATYYCQQRSSYPLTFGAGTKLEITRADAAPTVSIFPPSSEQLTSGGASVVCFLNNFYPKDINVKWKIDGSERQNGVLN
SWTDQDSKDSTYSMSSTLTLTKDEYERHNSYTCEATHKTSTSPIVKSFNRNEC
;
L
2 'polypeptide(L)'
;EVKLEESGGGLVKLGGSLKLSCAASGFTFSSYYMSWVRQTPEKRLELVAAINSNGGSTYYPDTVKGRFTISRDNAKNTLY
LQMSSLKSEDTALYYCARGDYYGSSLYYYAMDYWGQGTSVTVSSAKTTPPSVYPLAPGSAAQTNSMVTLGCLVKGYFPEP
VTVTWNSGSLSSGVHTFPAVLQSDLYTLSSSVTVPSSTWPSETVTCNVAHPASSTKVDKKIVPRDCAAAHHHHHH
;
H
#
loop_
_chem_comp.id
_chem_comp.type
_chem_comp.name
_chem_comp.formula
4IB non-polymer TETRAIODOBISPHENOLA 'C15 H12 I4 O2'
SO4 non-polymer 'SULFATE ION' 'O4 S -2'
#
# COMPACT_ATOMS: atom_id res chain seq x y z
N ASP A 1 -13.18 17.71 -15.10
CA ASP A 1 -12.39 17.55 -13.89
C ASP A 1 -12.80 18.57 -12.82
N ILE A 2 -13.23 18.08 -11.67
CA ILE A 2 -13.62 18.92 -10.55
C ILE A 2 -12.75 18.53 -9.36
N VAL A 3 -11.91 19.45 -8.91
CA VAL A 3 -11.00 19.17 -7.81
C VAL A 3 -11.79 19.03 -6.52
N LEU A 4 -11.55 17.94 -5.80
CA LEU A 4 -12.20 17.67 -4.52
C LEU A 4 -11.11 17.57 -3.45
N ASN A 5 -10.94 18.65 -2.68
CA ASN A 5 -9.91 18.71 -1.65
C ASN A 5 -10.44 18.11 -0.36
N GLN A 6 -9.81 17.03 0.09
CA GLN A 6 -10.15 16.40 1.35
C GLN A 6 -9.16 16.83 2.42
N SER A 7 -9.68 17.37 3.52
CA SER A 7 -8.83 17.85 4.61
C SER A 7 -9.28 17.28 5.95
N PRO A 8 -8.31 16.86 6.79
CA PRO A 8 -6.89 16.89 6.45
C PRO A 8 -6.42 15.63 5.73
N ALA A 9 -5.16 15.61 5.31
CA ALA A 9 -4.62 14.42 4.64
C ALA A 9 -4.62 13.22 5.58
N ILE A 10 -4.09 13.40 6.79
CA ILE A 10 -4.05 12.34 7.79
C ILE A 10 -4.51 12.92 9.12
N MET A 11 -5.05 12.05 9.97
CA MET A 11 -5.51 12.45 11.29
C MET A 11 -5.77 11.21 12.13
N SER A 12 -5.62 11.35 13.44
CA SER A 12 -5.82 10.26 14.38
C SER A 12 -7.04 10.52 15.24
N ALA A 13 -7.59 9.44 15.79
CA ALA A 13 -8.77 9.51 16.65
C ALA A 13 -8.76 8.34 17.60
N SER A 14 -9.26 8.57 18.81
CA SER A 14 -9.33 7.55 19.84
C SER A 14 -10.71 6.92 19.88
N PRO A 15 -10.82 5.70 20.41
CA PRO A 15 -12.14 5.05 20.49
C PRO A 15 -13.11 5.88 21.32
N GLY A 16 -14.34 5.99 20.83
CA GLY A 16 -15.34 6.81 21.45
C GLY A 16 -15.27 8.29 21.12
N GLU A 17 -14.18 8.73 20.50
CA GLU A 17 -14.02 10.13 20.13
C GLU A 17 -14.81 10.43 18.84
N LYS A 18 -15.17 11.70 18.68
CA LYS A 18 -15.91 12.15 17.51
C LYS A 18 -14.95 12.56 16.41
N VAL A 19 -15.19 12.04 15.21
CA VAL A 19 -14.33 12.29 14.05
C VAL A 19 -15.15 13.00 12.99
N THR A 20 -14.63 14.11 12.46
CA THR A 20 -15.29 14.87 11.41
C THR A 20 -14.27 15.23 10.35
N MET A 21 -14.57 14.89 9.10
CA MET A 21 -13.69 15.15 7.97
C MET A 21 -14.49 15.79 6.85
N THR A 22 -13.93 16.85 6.26
CA THR A 22 -14.59 17.62 5.23
C THR A 22 -14.08 17.24 3.85
N CYS A 23 -14.73 17.82 2.82
CA CYS A 23 -14.34 17.56 1.43
C CYS A 23 -14.97 18.67 0.57
N ASN A 24 -14.19 19.73 0.34
CA ASN A 24 -14.66 20.87 -0.41
C ASN A 24 -14.35 20.71 -1.89
N SER A 25 -15.21 21.30 -2.73
CA SER A 25 -15.09 21.21 -4.17
C SER A 25 -14.88 22.60 -4.77
N SER A 26 -14.21 22.63 -5.92
CA SER A 26 -13.96 23.91 -6.58
C SER A 26 -15.23 24.49 -7.18
N SER A 27 -16.17 23.64 -7.57
CA SER A 27 -17.45 24.08 -8.12
C SER A 27 -18.59 23.41 -7.36
N SER A 28 -19.73 24.08 -7.34
CA SER A 28 -20.90 23.52 -6.67
C SER A 28 -21.26 22.17 -7.27
N VAL A 29 -21.63 21.24 -6.39
CA VAL A 29 -22.07 19.90 -6.81
C VAL A 29 -23.41 19.60 -6.17
N SER A 30 -24.20 18.76 -6.85
CA SER A 30 -25.53 18.44 -6.36
C SER A 30 -25.48 17.50 -5.17
N TYR A 31 -24.71 16.42 -5.29
CA TYR A 31 -24.60 15.43 -4.22
C TYR A 31 -23.14 15.02 -4.05
N MET A 32 -22.88 14.23 -3.01
CA MET A 32 -21.55 13.76 -2.71
C MET A 32 -21.63 12.35 -2.12
N HIS A 33 -20.68 11.50 -2.49
CA HIS A 33 -20.61 10.13 -2.01
C HIS A 33 -19.44 9.98 -1.05
N TRP A 34 -19.37 8.80 -0.42
CA TRP A 34 -18.30 8.50 0.53
C TRP A 34 -18.00 7.02 0.47
N TYR A 35 -16.71 6.68 0.40
CA TYR A 35 -16.25 5.30 0.36
C TYR A 35 -15.21 5.07 1.45
N GLN A 36 -15.17 3.84 1.95
CA GLN A 36 -14.22 3.42 2.95
C GLN A 36 -13.28 2.38 2.34
N HIS A 37 -11.98 2.64 2.39
CA HIS A 37 -10.97 1.76 1.83
C HIS A 37 -10.00 1.34 2.92
N LYS A 38 -9.87 0.03 3.11
CA LYS A 38 -8.96 -0.53 4.11
C LYS A 38 -7.95 -1.44 3.43
N PRO A 39 -6.68 -1.40 3.85
CA PRO A 39 -5.68 -2.28 3.25
C PRO A 39 -6.05 -3.75 3.43
N GLY A 40 -5.81 -4.54 2.39
CA GLY A 40 -6.20 -5.93 2.38
C GLY A 40 -7.59 -6.21 1.86
N SER A 41 -8.41 -5.17 1.69
CA SER A 41 -9.76 -5.30 1.17
C SER A 41 -9.99 -4.24 0.10
N SER A 42 -11.10 -4.37 -0.62
CA SER A 42 -11.46 -3.46 -1.69
C SER A 42 -12.21 -2.27 -1.14
N PRO A 43 -12.44 -1.24 -1.96
CA PRO A 43 -13.22 -0.09 -1.51
C PRO A 43 -14.63 -0.51 -1.09
N ARG A 44 -15.26 0.35 -0.29
CA ARG A 44 -16.57 0.07 0.27
C ARG A 44 -17.40 1.35 0.25
N LEU A 45 -18.55 1.29 -0.40
CA LEU A 45 -19.46 2.43 -0.42
C LEU A 45 -19.99 2.68 0.98
N LEU A 46 -19.72 3.87 1.52
CA LEU A 46 -20.12 4.23 2.87
C LEU A 46 -21.38 5.10 2.89
N ILE A 47 -21.38 6.19 2.14
CA ILE A 47 -22.53 7.10 2.07
C ILE A 47 -22.78 7.47 0.62
N TYR A 48 -24.05 7.49 0.24
CA TYR A 48 -24.46 7.88 -1.10
C TYR A 48 -25.48 9.02 -1.01
N ASP A 49 -25.33 10.01 -1.87
CA ASP A 49 -26.23 11.15 -1.90
C ASP A 49 -26.14 11.97 -0.61
N THR A 50 -24.90 12.26 -0.20
CA THR A 50 -24.64 13.15 0.92
C THR A 50 -24.82 12.49 2.27
N SER A 51 -26.05 12.11 2.62
CA SER A 51 -26.35 11.64 3.96
C SER A 51 -27.13 10.33 4.00
N ASN A 52 -27.04 9.52 2.94
CA ASN A 52 -27.71 8.23 2.89
C ASN A 52 -26.67 7.14 3.10
N LEU A 53 -26.86 6.35 4.17
CA LEU A 53 -25.94 5.26 4.49
C LEU A 53 -26.23 4.05 3.62
N ALA A 54 -25.16 3.39 3.18
CA ALA A 54 -25.31 2.20 2.36
C ALA A 54 -25.83 1.03 3.22
N SER A 55 -25.95 -0.14 2.59
CA SER A 55 -26.47 -1.31 3.28
C SER A 55 -25.46 -1.81 4.31
N GLY A 56 -25.96 -2.16 5.49
CA GLY A 56 -25.12 -2.70 6.54
C GLY A 56 -24.01 -1.78 6.98
N VAL A 57 -24.36 -0.54 7.32
CA VAL A 57 -23.42 0.46 7.79
C VAL A 57 -23.85 0.91 9.18
N PRO A 58 -22.95 0.93 10.16
CA PRO A 58 -23.36 1.34 11.52
C PRO A 58 -23.86 2.77 11.55
N ALA A 59 -24.85 3.02 12.40
CA ALA A 59 -25.46 4.34 12.51
C ALA A 59 -24.47 5.42 12.94
N ARG A 60 -23.30 5.04 13.45
CA ARG A 60 -22.33 6.05 13.87
C ARG A 60 -21.83 6.89 12.71
N PHE A 61 -21.92 6.38 11.48
CA PHE A 61 -21.53 7.15 10.30
C PHE A 61 -22.68 8.05 9.87
N SER A 62 -22.37 9.31 9.58
CA SER A 62 -23.37 10.27 9.15
C SER A 62 -22.77 11.18 8.08
N GLY A 63 -23.60 11.57 7.12
CA GLY A 63 -23.16 12.43 6.04
C GLY A 63 -23.89 13.77 6.08
N SER A 64 -23.20 14.81 5.61
CA SER A 64 -23.78 16.15 5.57
C SER A 64 -22.99 16.98 4.58
N GLY A 65 -23.47 18.19 4.33
CA GLY A 65 -22.82 19.10 3.40
C GLY A 65 -23.63 19.38 2.16
N SER A 66 -23.44 20.57 1.58
CA SER A 66 -24.15 20.98 0.37
C SER A 66 -23.37 22.10 -0.29
N GLY A 67 -23.61 22.26 -1.59
CA GLY A 67 -22.92 23.29 -2.35
C GLY A 67 -21.49 22.91 -2.70
N THR A 68 -20.53 23.42 -1.93
CA THR A 68 -19.12 23.14 -2.16
C THR A 68 -18.42 22.72 -0.88
N SER A 69 -19.13 22.05 0.02
CA SER A 69 -18.57 21.64 1.30
C SER A 69 -19.39 20.49 1.84
N TYR A 70 -18.82 19.29 1.85
CA TYR A 70 -19.46 18.09 2.38
C TYR A 70 -18.60 17.49 3.47
N SER A 71 -19.24 16.99 4.53
CA SER A 71 -18.54 16.48 5.70
C SER A 71 -19.01 15.07 6.02
N LEU A 72 -18.07 14.22 6.43
CA LEU A 72 -18.35 12.89 6.92
C LEU A 72 -18.06 12.85 8.42
N THR A 73 -19.03 12.39 9.20
CA THR A 73 -18.94 12.41 10.66
C THR A 73 -19.06 11.00 11.22
N ILE A 74 -18.26 10.71 12.23
CA ILE A 74 -18.32 9.46 12.98
C ILE A 74 -18.64 9.81 14.43
N SER A 75 -19.81 9.36 14.91
CA SER A 75 -20.24 9.70 16.25
C SER A 75 -19.14 9.43 17.28
N ARG A 76 -18.74 8.16 17.40
CA ARG A 76 -17.66 7.77 18.31
C ARG A 76 -16.72 6.83 17.58
N MET A 77 -15.44 7.18 17.55
CA MET A 77 -14.45 6.43 16.80
C MET A 77 -14.23 5.05 17.40
N GLU A 78 -13.86 4.09 16.55
CA GLU A 78 -13.51 2.75 16.97
C GLU A 78 -12.49 2.17 16.00
N ALA A 79 -11.75 1.16 16.47
CA ALA A 79 -10.71 0.56 15.64
C ALA A 79 -11.28 0.00 14.35
N GLU A 80 -12.56 -0.40 14.35
CA GLU A 80 -13.18 -0.91 13.13
C GLU A 80 -13.24 0.13 12.03
N ASP A 81 -13.08 1.41 12.36
CA ASP A 81 -13.23 2.50 11.40
C ASP A 81 -11.90 3.14 11.00
N ALA A 82 -10.79 2.45 11.23
CA ALA A 82 -9.47 2.96 10.87
C ALA A 82 -9.19 2.59 9.42
N ALA A 83 -9.30 3.56 8.53
CA ALA A 83 -9.10 3.35 7.10
C ALA A 83 -8.98 4.71 6.42
N THR A 84 -8.99 4.71 5.10
CA THR A 84 -8.94 5.93 4.29
C THR A 84 -10.29 6.14 3.62
N TYR A 85 -10.81 7.35 3.72
CA TYR A 85 -12.13 7.68 3.19
C TYR A 85 -11.99 8.62 2.01
N TYR A 86 -12.71 8.33 0.93
CA TYR A 86 -12.71 9.14 -0.29
C TYR A 86 -14.11 9.70 -0.53
N CYS A 87 -14.16 10.95 -0.97
CA CYS A 87 -15.41 11.57 -1.39
C CYS A 87 -15.48 11.63 -2.90
N GLN A 88 -16.70 11.50 -3.42
CA GLN A 88 -16.94 11.49 -4.86
C GLN A 88 -18.08 12.43 -5.20
N GLN A 89 -17.88 13.28 -6.21
CA GLN A 89 -18.92 14.16 -6.68
C GLN A 89 -19.71 13.49 -7.80
N ARG A 90 -21.01 13.80 -7.86
CA ARG A 90 -21.91 13.20 -8.83
C ARG A 90 -22.76 14.27 -9.51
N SER A 91 -22.14 15.39 -9.88
CA SER A 91 -22.84 16.47 -10.57
C SER A 91 -22.34 16.70 -11.98
N SER A 92 -21.08 16.39 -12.27
CA SER A 92 -20.52 16.59 -13.60
C SER A 92 -19.57 15.44 -13.92
N TYR A 93 -19.41 15.18 -15.21
CA TYR A 93 -18.54 14.10 -15.67
C TYR A 93 -17.19 14.65 -16.12
N PRO A 94 -16.13 13.85 -15.94
CA PRO A 94 -16.22 12.51 -15.34
C PRO A 94 -16.36 12.55 -13.83
N LEU A 95 -16.82 11.43 -13.26
CA LEU A 95 -16.94 11.33 -11.80
C LEU A 95 -15.55 11.29 -11.18
N THR A 96 -15.24 12.27 -10.34
CA THR A 96 -13.92 12.40 -9.74
C THR A 96 -13.98 12.11 -8.24
N PHE A 97 -12.86 11.60 -7.73
CA PHE A 97 -12.72 11.28 -6.31
C PHE A 97 -11.72 12.22 -5.66
N GLY A 98 -11.94 12.52 -4.39
CA GLY A 98 -11.03 13.38 -3.65
C GLY A 98 -9.69 12.72 -3.40
N ALA A 99 -8.78 13.52 -2.85
CA ALA A 99 -7.45 13.00 -2.56
C ALA A 99 -7.51 11.85 -1.56
N GLY A 100 -8.35 11.98 -0.54
CA GLY A 100 -8.52 10.93 0.44
C GLY A 100 -8.02 11.38 1.81
N THR A 101 -8.70 10.92 2.85
CA THR A 101 -8.33 11.21 4.23
C THR A 101 -7.99 9.90 4.94
N LYS A 102 -6.81 9.83 5.53
CA LYS A 102 -6.34 8.63 6.22
C LYS A 102 -6.60 8.78 7.71
N LEU A 103 -7.40 7.89 8.27
CA LEU A 103 -7.77 7.92 9.68
C LEU A 103 -7.05 6.80 10.41
N GLU A 104 -6.27 7.18 11.43
CA GLU A 104 -5.52 6.23 12.24
C GLU A 104 -6.10 6.16 13.65
N ILE A 105 -5.73 5.10 14.36
CA ILE A 105 -6.18 4.88 15.73
C ILE A 105 -5.16 5.48 16.69
N THR A 106 -5.65 6.17 17.72
CA THR A 106 -4.80 6.78 18.72
C THR A 106 -4.65 5.83 19.91
N ARG A 107 -3.41 5.50 20.26
CA ARG A 107 -3.12 4.63 21.39
C ARG A 107 -2.04 5.27 22.24
N ALA A 108 -1.62 4.56 23.29
CA ALA A 108 -0.59 5.06 24.18
C ALA A 108 0.77 5.07 23.49
N ASP A 109 1.59 6.05 23.85
CA ASP A 109 2.92 6.16 23.26
C ASP A 109 3.73 4.90 23.56
N ALA A 110 4.50 4.46 22.56
CA ALA A 110 5.32 3.27 22.67
C ALA A 110 6.73 3.56 22.17
N ALA A 111 7.73 3.12 22.93
CA ALA A 111 9.11 3.34 22.53
C ALA A 111 9.53 2.34 21.46
N PRO A 112 10.33 2.76 20.49
CA PRO A 112 10.75 1.85 19.43
C PRO A 112 11.85 0.91 19.87
N THR A 113 11.89 -0.26 19.25
CA THR A 113 12.92 -1.27 19.49
C THR A 113 13.89 -1.22 18.31
N VAL A 114 15.08 -0.70 18.55
CA VAL A 114 16.07 -0.50 17.50
C VAL A 114 16.94 -1.75 17.37
N SER A 115 17.46 -1.96 16.17
CA SER A 115 18.32 -3.13 15.90
C SER A 115 19.04 -2.89 14.59
N ILE A 116 20.36 -2.87 14.63
CA ILE A 116 21.19 -2.61 13.46
C ILE A 116 21.84 -3.90 13.00
N PHE A 117 21.97 -4.07 11.69
CA PHE A 117 22.52 -5.28 11.10
C PHE A 117 23.61 -4.93 10.10
N PRO A 118 24.79 -5.55 10.20
CA PRO A 118 25.85 -5.28 9.23
C PRO A 118 25.55 -5.92 7.89
N PRO A 119 26.26 -5.53 6.83
CA PRO A 119 26.05 -6.17 5.53
C PRO A 119 26.44 -7.64 5.57
N SER A 120 25.72 -8.45 4.79
CA SER A 120 25.99 -9.87 4.73
C SER A 120 27.15 -10.16 3.79
N SER A 121 27.73 -11.36 3.94
CA SER A 121 28.84 -11.76 3.08
C SER A 121 28.40 -12.01 1.65
N GLU A 122 27.10 -12.18 1.41
CA GLU A 122 26.63 -12.40 0.04
C GLU A 122 26.64 -11.10 -0.75
N GLN A 123 26.27 -9.98 -0.11
CA GLN A 123 26.24 -8.70 -0.82
C GLN A 123 27.64 -8.15 -1.04
N LEU A 124 28.54 -8.35 -0.08
CA LEU A 124 29.91 -7.86 -0.24
C LEU A 124 30.62 -8.48 -1.43
N THR A 125 30.18 -9.66 -1.87
CA THR A 125 30.79 -10.28 -3.03
C THR A 125 30.42 -9.58 -4.33
N SER A 126 29.23 -8.98 -4.38
CA SER A 126 28.75 -8.28 -5.57
C SER A 126 29.16 -6.80 -5.58
N GLY A 127 30.08 -6.40 -4.72
CA GLY A 127 30.52 -5.02 -4.67
C GLY A 127 29.59 -4.06 -3.96
N GLY A 128 28.52 -4.56 -3.34
CA GLY A 128 27.59 -3.71 -2.63
C GLY A 128 27.56 -3.99 -1.14
N ALA A 129 27.17 -3.00 -0.35
CA ALA A 129 27.10 -3.15 1.10
C ALA A 129 25.95 -2.31 1.63
N SER A 130 24.98 -2.95 2.26
CA SER A 130 23.81 -2.28 2.81
C SER A 130 23.75 -2.53 4.31
N VAL A 131 23.62 -1.45 5.08
CA VAL A 131 23.48 -1.52 6.52
C VAL A 131 22.02 -1.24 6.87
N VAL A 132 21.38 -2.18 7.55
CA VAL A 132 19.96 -2.10 7.88
C VAL A 132 19.81 -1.80 9.36
N CYS A 133 18.75 -1.06 9.69
CA CYS A 133 18.47 -0.70 11.08
C CYS A 133 16.95 -0.67 11.25
N PHE A 134 16.42 -1.60 12.03
CA PHE A 134 14.99 -1.74 12.21
C PHE A 134 14.52 -0.97 13.45
N LEU A 135 13.34 -0.36 13.34
CA LEU A 135 12.68 0.31 14.46
C LEU A 135 11.24 -0.21 14.51
N ASN A 136 11.00 -1.18 15.39
CA ASN A 136 9.75 -1.94 15.40
C ASN A 136 8.88 -1.53 16.58
N ASN A 137 7.58 -1.33 16.31
CA ASN A 137 6.59 -1.14 17.35
C ASN A 137 6.80 0.16 18.11
N PHE A 138 6.19 1.25 17.63
CA PHE A 138 6.26 2.53 18.31
C PHE A 138 5.04 3.36 17.93
N TYR A 139 4.89 4.49 18.59
CA TYR A 139 3.78 5.40 18.34
C TYR A 139 4.07 6.77 18.97
N PRO A 140 3.70 7.86 18.28
CA PRO A 140 3.02 7.83 16.97
C PRO A 140 3.93 7.42 15.81
N LYS A 141 3.54 7.82 14.59
CA LYS A 141 4.25 7.37 13.39
C LYS A 141 5.56 8.13 13.19
N ASP A 142 5.53 9.45 13.34
CA ASP A 142 6.69 10.26 13.05
C ASP A 142 7.89 9.84 13.90
N ILE A 143 9.02 9.62 13.25
CA ILE A 143 10.26 9.23 13.92
C ILE A 143 11.42 9.52 12.98
N ASN A 144 12.54 9.95 13.55
CA ASN A 144 13.72 10.33 12.77
C ASN A 144 14.86 9.38 13.08
N VAL A 145 15.45 8.82 12.03
CA VAL A 145 16.60 7.92 12.14
C VAL A 145 17.78 8.56 11.45
N LYS A 146 18.95 8.48 12.08
CA LYS A 146 20.16 9.11 11.58
C LYS A 146 21.27 8.06 11.47
N TRP A 147 22.12 8.24 10.46
CA TRP A 147 23.26 7.37 10.22
C TRP A 147 24.57 8.11 10.46
N LYS A 148 25.59 7.36 10.85
CA LYS A 148 26.91 7.93 11.09
C LYS A 148 27.97 6.91 10.70
N ILE A 149 28.97 7.36 9.94
CA ILE A 149 30.09 6.52 9.52
C ILE A 149 31.36 7.12 10.12
N ASP A 150 31.93 6.42 11.10
CA ASP A 150 33.12 6.90 11.81
C ASP A 150 32.86 8.27 12.45
N GLY A 151 31.65 8.46 12.96
CA GLY A 151 31.29 9.70 13.61
C GLY A 151 30.54 10.67 12.71
N SER A 152 30.97 10.77 11.45
CA SER A 152 30.34 11.68 10.51
C SER A 152 28.97 11.17 10.08
N GLU A 153 28.07 12.10 9.79
CA GLU A 153 26.70 11.78 9.42
C GLU A 153 26.60 11.50 7.92
N ARG A 154 25.57 10.74 7.54
CA ARG A 154 25.30 10.40 6.16
C ARG A 154 23.80 10.55 5.89
N GLN A 155 23.45 11.37 4.90
CA GLN A 155 22.06 11.56 4.52
C GLN A 155 21.73 11.00 3.14
N ASN A 156 22.73 10.80 2.28
CA ASN A 156 22.50 10.26 0.95
C ASN A 156 22.77 8.75 0.95
N GLY A 157 21.87 8.01 0.30
CA GLY A 157 21.95 6.57 0.25
C GLY A 157 21.01 5.85 1.19
N VAL A 158 20.18 6.57 1.94
CA VAL A 158 19.25 5.97 2.88
C VAL A 158 17.90 5.79 2.20
N LEU A 159 17.20 4.72 2.56
CA LEU A 159 15.86 4.43 2.03
C LEU A 159 15.00 3.96 3.18
N ASN A 160 14.10 4.84 3.64
CA ASN A 160 13.21 4.52 4.75
C ASN A 160 11.91 3.91 4.24
N SER A 161 11.19 3.26 5.16
CA SER A 161 9.93 2.61 4.80
C SER A 161 9.15 2.31 6.07
N TRP A 162 7.94 2.85 6.16
CA TRP A 162 7.04 2.59 7.28
C TRP A 162 6.03 1.51 6.91
N THR A 163 5.43 0.93 7.95
CA THR A 163 4.39 -0.08 7.78
C THR A 163 3.05 0.47 8.22
N ASP A 164 1.99 0.00 7.58
CA ASP A 164 0.64 0.41 7.97
C ASP A 164 0.40 0.05 9.42
N GLN A 165 -0.46 0.85 10.08
CA GLN A 165 -0.75 0.64 11.49
C GLN A 165 -1.21 -0.78 11.74
N ASP A 166 -0.51 -1.46 12.65
CA ASP A 166 -0.82 -2.86 12.94
C ASP A 166 -2.22 -2.97 13.56
N SER A 167 -2.92 -4.05 13.20
CA SER A 167 -4.27 -4.27 13.69
C SER A 167 -4.30 -4.79 15.12
N LYS A 168 -3.22 -5.41 15.59
CA LYS A 168 -3.17 -5.93 16.95
C LYS A 168 -2.90 -4.82 17.97
N ASP A 169 -1.63 -4.39 18.06
CA ASP A 169 -1.24 -3.38 19.02
C ASP A 169 -1.39 -1.96 18.50
N SER A 170 -1.64 -1.79 17.20
CA SER A 170 -1.82 -0.45 16.61
C SER A 170 -0.54 0.37 16.70
N THR A 171 0.59 -0.26 16.42
CA THR A 171 1.89 0.39 16.42
C THR A 171 2.41 0.52 15.00
N TYR A 172 3.47 1.31 14.85
CA TYR A 172 4.11 1.54 13.56
C TYR A 172 5.53 0.99 13.60
N SER A 173 5.91 0.28 12.55
CA SER A 173 7.27 -0.22 12.38
C SER A 173 7.91 0.46 11.18
N MET A 174 9.18 0.82 11.33
CA MET A 174 9.90 1.58 10.32
C MET A 174 11.25 0.94 10.06
N SER A 175 11.64 0.89 8.79
CA SER A 175 12.91 0.32 8.37
C SER A 175 13.78 1.39 7.72
N SER A 176 15.08 1.18 7.77
CA SER A 176 16.04 2.11 7.16
C SER A 176 17.23 1.32 6.66
N THR A 177 17.56 1.49 5.38
CA THR A 177 18.65 0.77 4.74
C THR A 177 19.61 1.77 4.11
N LEU A 178 20.87 1.74 4.55
CA LEU A 178 21.91 2.59 4.02
C LEU A 178 22.80 1.75 3.11
N THR A 179 22.74 2.02 1.81
CA THR A 179 23.50 1.27 0.82
C THR A 179 24.77 2.03 0.46
N LEU A 180 25.86 1.28 0.28
CA LEU A 180 27.15 1.86 -0.07
C LEU A 180 27.86 0.89 -1.01
N THR A 181 29.11 1.22 -1.34
CA THR A 181 29.96 0.35 -2.15
C THR A 181 30.85 -0.49 -1.24
N LYS A 182 31.32 -1.62 -1.78
CA LYS A 182 32.20 -2.49 -1.01
C LYS A 182 33.47 -1.75 -0.58
N ASP A 183 34.07 -1.00 -1.51
CA ASP A 183 35.29 -0.26 -1.18
C ASP A 183 35.01 0.78 -0.10
N GLU A 184 33.93 1.55 -0.25
CA GLU A 184 33.61 2.56 0.75
C GLU A 184 33.25 1.94 2.09
N TYR A 185 32.64 0.76 2.09
CA TYR A 185 32.32 0.07 3.34
C TYR A 185 33.59 -0.39 4.04
N GLU A 186 34.48 -1.06 3.31
CA GLU A 186 35.76 -1.50 3.84
C GLU A 186 36.74 -0.36 4.04
N ARG A 187 36.24 0.88 3.99
CA ARG A 187 37.06 2.07 4.14
C ARG A 187 36.89 2.74 5.50
N HIS A 188 35.88 2.33 6.28
CA HIS A 188 35.62 2.91 7.60
C HIS A 188 35.43 1.77 8.61
N ASN A 189 35.20 2.15 9.86
CA ASN A 189 35.13 1.18 10.95
C ASN A 189 33.82 1.23 11.71
N SER A 190 33.40 2.41 12.16
CA SER A 190 32.23 2.55 13.02
C SER A 190 31.00 2.86 12.17
N TYR A 191 29.96 2.03 12.32
CA TYR A 191 28.68 2.23 11.66
C TYR A 191 27.60 2.30 12.73
N THR A 192 27.03 3.49 12.92
CA THR A 192 26.07 3.75 13.99
C THR A 192 24.69 4.04 13.41
N CYS A 193 23.67 3.74 14.22
CA CYS A 193 22.28 4.02 13.87
C CYS A 193 21.63 4.71 15.06
N GLU A 194 21.20 5.96 14.86
CA GLU A 194 20.54 6.74 15.90
C GLU A 194 19.05 6.85 15.61
N ALA A 195 18.25 6.79 16.67
CA ALA A 195 16.79 6.86 16.55
C ALA A 195 16.27 7.87 17.57
N THR A 196 15.65 8.95 17.08
CA THR A 196 15.06 9.98 17.92
C THR A 196 13.55 9.93 17.76
N HIS A 197 12.84 9.78 18.87
CA HIS A 197 11.39 9.60 18.85
C HIS A 197 10.76 10.45 19.95
N LYS A 198 9.45 10.63 19.84
CA LYS A 198 8.70 11.36 20.86
C LYS A 198 8.97 10.79 22.25
N THR A 199 8.89 9.47 22.39
CA THR A 199 9.15 8.80 23.66
C THR A 199 10.63 8.75 24.01
N SER A 200 11.51 9.20 23.12
CA SER A 200 12.96 9.18 23.34
C SER A 200 13.49 10.59 23.12
N THR A 201 13.55 11.37 24.20
CA THR A 201 14.14 12.70 24.12
C THR A 201 15.56 12.62 23.57
N SER A 202 16.39 11.76 24.16
CA SER A 202 17.71 11.49 23.64
C SER A 202 17.66 10.37 22.61
N PRO A 203 18.62 10.32 21.71
CA PRO A 203 18.57 9.30 20.64
C PRO A 203 19.00 7.93 21.13
N ILE A 204 18.25 6.91 20.70
CA ILE A 204 18.63 5.52 20.93
C ILE A 204 19.72 5.15 19.94
N VAL A 205 20.88 4.72 20.45
CA VAL A 205 22.06 4.51 19.63
C VAL A 205 22.33 3.01 19.53
N LYS A 206 22.46 2.53 18.29
CA LYS A 206 22.88 1.16 18.01
C LYS A 206 24.00 1.22 16.98
N SER A 207 25.06 0.44 17.22
CA SER A 207 26.24 0.52 16.36
C SER A 207 26.96 -0.82 16.37
N PHE A 208 27.99 -0.90 15.53
CA PHE A 208 28.86 -2.07 15.47
C PHE A 208 30.14 -1.65 14.77
N ASN A 209 31.13 -2.55 14.80
CA ASN A 209 32.44 -2.29 14.22
C ASN A 209 32.86 -3.44 13.31
N ARG A 210 33.66 -3.11 12.30
CA ARG A 210 34.20 -4.11 11.39
C ARG A 210 35.35 -4.89 12.00
N ASN A 211 35.93 -4.42 13.09
CA ASN A 211 37.07 -5.08 13.74
C ASN A 211 36.63 -5.88 14.95
N GLU A 212 35.58 -6.67 14.80
CA GLU A 212 35.07 -7.51 15.88
C GLU A 212 34.47 -8.78 15.28
N CYS A 213 33.83 -9.58 16.12
CA CYS A 213 33.24 -10.84 15.69
C CYS A 213 34.32 -11.87 15.35
N GLU B 1 -25.70 -12.98 -2.41
CA GLU B 1 -24.24 -12.98 -2.44
C GLU B 1 -23.73 -12.57 -3.82
N VAL B 2 -22.83 -11.59 -3.84
CA VAL B 2 -22.30 -11.05 -5.09
C VAL B 2 -20.80 -11.23 -5.10
N LYS B 3 -20.23 -11.30 -6.30
CA LYS B 3 -18.80 -11.52 -6.47
C LYS B 3 -18.30 -10.76 -7.70
N LEU B 4 -17.13 -10.16 -7.57
CA LEU B 4 -16.47 -9.47 -8.67
C LEU B 4 -15.00 -9.87 -8.67
N GLU B 5 -14.51 -10.40 -9.78
CA GLU B 5 -13.15 -10.91 -9.86
C GLU B 5 -12.51 -10.44 -11.16
N GLU B 6 -11.36 -9.77 -11.04
CA GLU B 6 -10.62 -9.29 -12.19
C GLU B 6 -9.49 -10.24 -12.55
N SER B 7 -8.91 -10.03 -13.73
CA SER B 7 -7.77 -10.82 -14.20
C SER B 7 -7.23 -10.26 -15.51
N GLY B 8 -5.94 -10.41 -15.74
CA GLY B 8 -5.29 -9.90 -16.94
C GLY B 8 -4.18 -8.91 -16.69
N GLY B 9 -4.06 -8.35 -15.49
CA GLY B 9 -3.01 -7.39 -15.21
C GLY B 9 -1.63 -8.03 -15.30
N GLY B 10 -0.65 -7.17 -15.55
CA GLY B 10 0.72 -7.64 -15.66
C GLY B 10 1.66 -6.48 -15.95
N LEU B 11 2.80 -6.82 -16.53
CA LEU B 11 3.84 -5.85 -16.87
C LEU B 11 3.94 -5.73 -18.39
N VAL B 12 3.90 -4.49 -18.88
CA VAL B 12 4.02 -4.22 -20.32
C VAL B 12 4.90 -2.99 -20.50
N LYS B 13 5.54 -2.92 -21.67
CA LYS B 13 6.41 -1.80 -21.98
C LYS B 13 5.59 -0.61 -22.47
N LEU B 14 6.27 0.53 -22.59
CA LEU B 14 5.61 1.76 -23.04
C LEU B 14 5.00 1.55 -24.43
N GLY B 15 3.70 1.80 -24.54
CA GLY B 15 2.98 1.61 -25.78
C GLY B 15 2.36 0.24 -25.96
N GLY B 16 2.60 -0.69 -25.05
CA GLY B 16 2.05 -2.02 -25.15
C GLY B 16 0.52 -2.01 -25.03
N SER B 17 -0.02 -3.21 -24.84
CA SER B 17 -1.46 -3.37 -24.76
C SER B 17 -1.79 -4.53 -23.82
N LEU B 18 -2.96 -4.43 -23.18
CA LEU B 18 -3.44 -5.46 -22.28
C LEU B 18 -4.96 -5.53 -22.40
N LYS B 19 -5.51 -6.66 -21.96
CA LYS B 19 -6.95 -6.88 -21.99
C LYS B 19 -7.36 -7.50 -20.66
N LEU B 20 -8.10 -6.74 -19.84
CA LEU B 20 -8.50 -7.18 -18.52
C LEU B 20 -9.81 -7.95 -18.60
N SER B 21 -10.29 -8.40 -17.43
CA SER B 21 -11.54 -9.13 -17.35
C SER B 21 -12.16 -8.91 -15.98
N CYS B 22 -13.47 -9.17 -15.90
CA CYS B 22 -14.23 -8.99 -14.67
C CYS B 22 -15.27 -10.09 -14.60
N ALA B 23 -15.14 -10.98 -13.62
CA ALA B 23 -16.03 -12.12 -13.47
C ALA B 23 -17.21 -11.73 -12.58
N ALA B 24 -18.40 -11.65 -13.17
CA ALA B 24 -19.61 -11.32 -12.43
C ALA B 24 -20.25 -12.59 -11.88
N SER B 25 -20.83 -12.48 -10.69
CA SER B 25 -21.45 -13.63 -10.04
C SER B 25 -22.37 -13.14 -8.92
N GLY B 26 -23.52 -13.78 -8.82
CA GLY B 26 -24.45 -13.47 -7.74
C GLY B 26 -25.41 -12.34 -8.00
N PHE B 27 -25.74 -12.07 -9.27
CA PHE B 27 -26.69 -11.02 -9.60
C PHE B 27 -26.88 -11.00 -11.11
N THR B 28 -28.00 -10.44 -11.54
CA THR B 28 -28.31 -10.31 -12.97
C THR B 28 -27.32 -9.32 -13.58
N PHE B 29 -26.29 -9.86 -14.26
CA PHE B 29 -25.25 -9.01 -14.81
C PHE B 29 -25.78 -8.11 -15.93
N SER B 30 -26.83 -8.54 -16.62
CA SER B 30 -27.36 -7.80 -17.76
C SER B 30 -28.30 -6.67 -17.35
N SER B 31 -28.25 -6.22 -16.10
CA SER B 31 -29.16 -5.20 -15.62
C SER B 31 -28.48 -4.02 -14.95
N TYR B 32 -27.15 -4.05 -14.79
CA TYR B 32 -26.44 -3.02 -14.06
C TYR B 32 -25.39 -2.36 -14.96
N TYR B 33 -25.10 -1.10 -14.65
CA TYR B 33 -24.01 -0.38 -15.30
C TYR B 33 -22.69 -0.83 -14.70
N MET B 34 -21.78 -1.29 -15.56
CA MET B 34 -20.45 -1.72 -15.13
C MET B 34 -19.41 -0.70 -15.56
N SER B 35 -18.37 -0.54 -14.75
CA SER B 35 -17.33 0.43 -15.02
C SER B 35 -16.02 -0.07 -14.43
N TRP B 36 -14.93 0.57 -14.84
CA TRP B 36 -13.59 0.27 -14.34
C TRP B 36 -13.05 1.49 -13.62
N VAL B 37 -12.44 1.26 -12.45
CA VAL B 37 -11.83 2.30 -11.65
C VAL B 37 -10.44 1.83 -11.23
N ARG B 38 -9.44 2.69 -11.39
CA ARG B 38 -8.06 2.36 -11.06
C ARG B 38 -7.60 3.15 -9.86
N GLN B 39 -6.49 2.69 -9.26
CA GLN B 39 -5.91 3.31 -8.08
C GLN B 39 -4.43 3.54 -8.36
N THR B 40 -4.04 4.80 -8.54
CA THR B 40 -2.65 5.13 -8.82
C THR B 40 -1.77 4.72 -7.64
N PRO B 41 -0.46 4.53 -7.89
CA PRO B 41 0.44 4.18 -6.79
C PRO B 41 0.38 5.18 -5.63
N GLU B 42 0.02 6.43 -5.89
CA GLU B 42 -0.13 7.44 -4.85
C GLU B 42 -1.49 7.38 -4.17
N LYS B 43 -2.21 6.27 -4.31
CA LYS B 43 -3.49 6.07 -3.64
C LYS B 43 -4.52 7.11 -4.07
N ARG B 44 -4.65 7.28 -5.37
CA ARG B 44 -5.67 8.14 -5.97
C ARG B 44 -6.61 7.30 -6.80
N LEU B 45 -7.91 7.57 -6.69
CA LEU B 45 -8.95 6.86 -7.43
C LEU B 45 -9.34 7.65 -8.67
N GLU B 46 -9.44 6.96 -9.81
CA GLU B 46 -9.78 7.57 -11.07
C GLU B 46 -10.69 6.63 -11.86
N LEU B 47 -11.77 7.17 -12.41
CA LEU B 47 -12.64 6.42 -13.29
C LEU B 47 -12.03 6.36 -14.68
N VAL B 48 -11.97 5.16 -15.25
CA VAL B 48 -11.29 4.97 -16.53
C VAL B 48 -12.31 4.74 -17.65
N ALA B 49 -13.40 4.06 -17.33
CA ALA B 49 -14.41 3.78 -18.34
C ALA B 49 -15.65 3.20 -17.67
N ALA B 50 -16.77 3.30 -18.38
CA ALA B 50 -18.04 2.78 -17.90
C ALA B 50 -18.90 2.38 -19.09
N ILE B 51 -19.79 1.41 -18.88
CA ILE B 51 -20.67 0.90 -19.91
C ILE B 51 -22.07 0.71 -19.32
N ASN B 52 -23.06 0.69 -20.20
CA ASN B 52 -24.45 0.64 -19.80
C ASN B 52 -24.94 -0.81 -19.77
N SER B 53 -26.25 -1.02 -19.76
CA SER B 53 -26.83 -2.35 -19.72
C SER B 53 -26.31 -3.21 -20.87
N ASN B 54 -26.77 -2.93 -22.09
CA ASN B 54 -26.27 -3.63 -23.26
C ASN B 54 -24.92 -3.04 -23.67
N GLY B 55 -24.47 -3.36 -24.87
CA GLY B 55 -23.22 -2.82 -25.37
C GLY B 55 -23.40 -1.50 -26.08
N GLY B 56 -24.36 -0.70 -25.63
CA GLY B 56 -24.68 0.55 -26.28
C GLY B 56 -23.71 1.68 -25.99
N SER B 57 -24.10 2.58 -25.09
CA SER B 57 -23.29 3.75 -24.79
C SER B 57 -22.10 3.39 -23.91
N THR B 58 -21.03 4.17 -24.02
CA THR B 58 -19.85 4.01 -23.21
C THR B 58 -19.29 5.39 -22.87
N TYR B 59 -18.44 5.42 -21.85
CA TYR B 59 -17.84 6.68 -21.39
C TYR B 59 -16.36 6.46 -21.11
N TYR B 60 -15.54 7.42 -21.55
CA TYR B 60 -14.11 7.39 -21.33
C TYR B 60 -13.64 8.80 -20.98
N PRO B 61 -12.96 8.99 -19.86
CA PRO B 61 -12.40 10.31 -19.56
C PRO B 61 -11.41 10.74 -20.64
N ASP B 62 -11.21 12.04 -20.74
CA ASP B 62 -10.30 12.58 -21.75
C ASP B 62 -8.88 12.05 -21.56
N THR B 63 -8.48 11.80 -20.32
CA THR B 63 -7.15 11.27 -20.05
C THR B 63 -6.97 9.85 -20.54
N VAL B 64 -8.04 9.20 -21.00
CA VAL B 64 -7.98 7.80 -21.42
C VAL B 64 -8.73 7.61 -22.73
N LYS B 65 -9.72 8.46 -22.98
CA LYS B 65 -10.53 8.33 -24.19
C LYS B 65 -9.65 8.36 -25.43
N GLY B 66 -9.82 7.36 -26.29
CA GLY B 66 -9.04 7.23 -27.51
C GLY B 66 -8.11 6.04 -27.55
N ARG B 67 -7.88 5.37 -26.41
CA ARG B 67 -7.00 4.22 -26.39
C ARG B 67 -7.48 3.08 -25.50
N PHE B 68 -8.46 3.30 -24.63
CA PHE B 68 -9.06 2.23 -23.83
C PHE B 68 -10.45 1.90 -24.37
N THR B 69 -10.77 0.61 -24.41
CA THR B 69 -12.04 0.13 -24.93
C THR B 69 -12.68 -0.75 -23.88
N ILE B 70 -13.90 -0.41 -23.46
CA ILE B 70 -14.62 -1.14 -22.44
C ILE B 70 -15.80 -1.84 -23.10
N SER B 71 -15.71 -3.15 -23.25
CA SER B 71 -16.78 -3.98 -23.78
C SER B 71 -17.27 -4.94 -22.71
N ARG B 72 -18.41 -5.57 -22.97
CA ARG B 72 -19.00 -6.51 -22.03
C ARG B 72 -19.71 -7.61 -22.79
N ASP B 73 -19.90 -8.74 -22.11
CA ASP B 73 -20.57 -9.92 -22.66
C ASP B 73 -21.63 -10.36 -21.65
N ASN B 74 -22.83 -9.78 -21.77
CA ASN B 74 -23.90 -10.11 -20.84
C ASN B 74 -24.23 -11.60 -20.88
N ALA B 75 -24.18 -12.20 -22.07
CA ALA B 75 -24.45 -13.64 -22.18
C ALA B 75 -23.41 -14.47 -21.45
N LYS B 76 -22.19 -13.98 -21.35
CA LYS B 76 -21.10 -14.68 -20.68
C LYS B 76 -20.80 -14.13 -19.29
N ASN B 77 -21.53 -13.11 -18.84
CA ASN B 77 -21.31 -12.49 -17.53
C ASN B 77 -19.85 -12.13 -17.34
N THR B 78 -19.34 -11.31 -18.25
CA THR B 78 -17.95 -10.89 -18.22
C THR B 78 -17.84 -9.44 -18.68
N LEU B 79 -16.89 -8.72 -18.08
CA LEU B 79 -16.62 -7.33 -18.42
C LEU B 79 -15.17 -7.20 -18.83
N TYR B 80 -14.92 -6.54 -19.95
CA TYR B 80 -13.58 -6.40 -20.50
C TYR B 80 -13.18 -4.94 -20.55
N LEU B 81 -11.87 -4.71 -20.72
CA LEU B 81 -11.33 -3.35 -20.81
C LEU B 81 -10.02 -3.43 -21.60
N GLN B 82 -10.11 -3.18 -22.90
CA GLN B 82 -8.91 -3.16 -23.74
C GLN B 82 -8.05 -1.96 -23.40
N MET B 83 -6.74 -2.17 -23.34
CA MET B 83 -5.78 -1.14 -23.01
C MET B 83 -4.72 -1.08 -24.09
N SER B 84 -4.60 0.06 -24.76
CA SER B 84 -3.62 0.25 -25.82
C SER B 84 -2.94 1.59 -25.63
N SER B 85 -1.73 1.70 -26.20
CA SER B 85 -0.92 2.92 -26.08
C SER B 85 -0.74 3.30 -24.62
N LEU B 86 -0.44 2.30 -23.79
CA LEU B 86 -0.34 2.51 -22.35
C LEU B 86 0.85 3.40 -22.03
N LYS B 87 0.58 4.52 -21.35
CA LYS B 87 1.61 5.44 -20.92
C LYS B 87 2.09 5.04 -19.52
N SER B 88 2.90 5.89 -18.89
CA SER B 88 3.41 5.58 -17.55
C SER B 88 2.33 5.80 -16.49
N GLU B 89 1.55 6.88 -16.61
CA GLU B 89 0.51 7.16 -15.62
C GLU B 89 -0.62 6.14 -15.65
N ASP B 90 -0.58 5.16 -16.56
CA ASP B 90 -1.58 4.10 -16.58
C ASP B 90 -1.31 3.02 -15.55
N THR B 91 -0.12 3.00 -14.95
CA THR B 91 0.22 2.00 -13.95
C THR B 91 -0.64 2.20 -12.71
N ALA B 92 -1.39 1.15 -12.33
CA ALA B 92 -2.25 1.22 -11.16
C ALA B 92 -3.02 -0.08 -10.96
N LEU B 93 -3.82 -0.15 -9.90
CA LEU B 93 -4.66 -1.30 -9.62
C LEU B 93 -6.05 -1.01 -10.15
N TYR B 94 -6.46 -1.74 -11.19
CA TYR B 94 -7.72 -1.48 -11.87
C TYR B 94 -8.83 -2.32 -11.24
N TYR B 95 -9.90 -1.66 -10.79
CA TYR B 95 -11.07 -2.32 -10.25
C TYR B 95 -12.18 -2.37 -11.29
N CYS B 96 -13.20 -3.19 -11.01
CA CYS B 96 -14.42 -3.23 -11.82
C CYS B 96 -15.60 -3.33 -10.86
N ALA B 97 -16.30 -2.21 -10.69
CA ALA B 97 -17.41 -2.12 -9.75
C ALA B 97 -18.74 -2.10 -10.50
N ARG B 98 -19.82 -2.21 -9.73
CA ARG B 98 -21.17 -2.22 -10.27
C ARG B 98 -21.80 -0.84 -10.11
N GLY B 99 -22.49 -0.38 -11.15
CA GLY B 99 -23.12 0.93 -11.13
C GLY B 99 -24.58 0.86 -10.70
N ASP B 100 -25.40 1.69 -11.33
CA ASP B 100 -26.82 1.72 -11.01
C ASP B 100 -27.57 0.60 -11.72
N TYR B 101 -28.74 0.26 -11.18
CA TYR B 101 -29.61 -0.71 -11.83
C TYR B 101 -30.27 -0.08 -13.05
N TYR B 102 -30.55 -0.92 -14.05
CA TYR B 102 -31.12 -0.42 -15.30
C TYR B 102 -32.34 0.46 -15.05
N GLY B 103 -33.27 -0.02 -14.24
CA GLY B 103 -34.47 0.75 -13.93
C GLY B 103 -34.59 1.08 -12.46
N SER B 104 -33.97 2.18 -12.03
CA SER B 104 -34.00 2.59 -10.64
C SER B 104 -34.88 3.81 -10.40
N SER B 105 -35.58 4.30 -11.43
CA SER B 105 -36.41 5.49 -11.32
C SER B 105 -35.56 6.75 -11.21
N LEU B 106 -34.28 6.59 -10.87
CA LEU B 106 -33.35 7.69 -10.77
C LEU B 106 -31.95 7.16 -10.46
N TYR B 107 -30.96 7.59 -11.23
CA TYR B 107 -29.61 7.07 -11.09
C TYR B 107 -28.85 7.78 -9.97
N TYR B 108 -27.98 7.02 -9.31
CA TYR B 108 -27.14 7.56 -8.24
C TYR B 108 -25.71 7.81 -8.68
N TYR B 109 -25.25 7.13 -9.74
CA TYR B 109 -23.88 7.28 -10.22
C TYR B 109 -22.87 6.87 -9.15
N ALA B 110 -23.23 5.88 -8.34
CA ALA B 110 -22.35 5.36 -7.30
C ALA B 110 -22.02 3.90 -7.59
N MET B 111 -20.90 3.45 -7.03
CA MET B 111 -20.42 2.08 -7.19
C MET B 111 -20.41 1.42 -5.82
N ASP B 112 -21.35 0.50 -5.59
CA ASP B 112 -21.54 -0.10 -4.28
C ASP B 112 -20.73 -1.37 -4.07
N TYR B 113 -20.41 -2.09 -5.15
CA TYR B 113 -19.65 -3.33 -5.06
C TYR B 113 -18.42 -3.23 -5.95
N TRP B 114 -17.24 -3.40 -5.36
CA TRP B 114 -15.97 -3.32 -6.04
C TRP B 114 -15.36 -4.72 -6.16
N GLY B 115 -14.12 -4.78 -6.63
CA GLY B 115 -13.37 -6.02 -6.71
C GLY B 115 -12.02 -5.88 -6.03
N GLN B 116 -11.30 -7.00 -6.00
CA GLN B 116 -9.96 -6.99 -5.41
C GLN B 116 -8.94 -6.29 -6.30
N GLY B 117 -9.24 -6.15 -7.58
CA GLY B 117 -8.37 -5.44 -8.50
C GLY B 117 -7.27 -6.31 -9.08
N THR B 118 -6.78 -5.89 -10.24
CA THR B 118 -5.67 -6.56 -10.92
C THR B 118 -4.58 -5.53 -11.20
N SER B 119 -3.40 -5.75 -10.63
CA SER B 119 -2.32 -4.79 -10.76
C SER B 119 -1.77 -4.77 -12.19
N VAL B 120 -1.51 -3.56 -12.69
CA VAL B 120 -0.99 -3.35 -14.03
C VAL B 120 0.18 -2.37 -13.95
N THR B 121 1.32 -2.77 -14.51
CA THR B 121 2.52 -1.95 -14.49
C THR B 121 2.94 -1.66 -15.93
N VAL B 122 3.19 -0.38 -16.23
CA VAL B 122 3.64 0.05 -17.55
C VAL B 122 5.02 0.68 -17.38
N SER B 123 6.05 -0.05 -17.78
CA SER B 123 7.42 0.42 -17.63
C SER B 123 8.32 -0.33 -18.59
N SER B 124 9.35 0.37 -19.07
CA SER B 124 10.36 -0.23 -19.94
C SER B 124 11.49 -0.88 -19.14
N ALA B 125 11.33 -1.01 -17.83
CA ALA B 125 12.34 -1.65 -17.01
C ALA B 125 12.33 -3.16 -17.22
N LYS B 126 13.52 -3.75 -17.14
CA LYS B 126 13.69 -5.18 -17.39
C LYS B 126 13.46 -5.98 -16.12
N THR B 127 12.75 -7.09 -16.25
CA THR B 127 12.49 -7.97 -15.11
C THR B 127 13.81 -8.43 -14.51
N THR B 128 14.05 -8.09 -13.25
CA THR B 128 15.30 -8.41 -12.57
C THR B 128 15.01 -9.31 -11.38
N PRO B 129 15.53 -10.52 -11.33
CA PRO B 129 15.35 -11.37 -10.15
C PRO B 129 16.04 -10.77 -8.94
N PRO B 130 15.40 -10.79 -7.78
CA PRO B 130 15.97 -10.15 -6.59
C PRO B 130 17.11 -10.95 -5.99
N SER B 131 17.89 -10.27 -5.16
CA SER B 131 18.97 -10.88 -4.41
C SER B 131 18.60 -10.87 -2.94
N VAL B 132 18.48 -12.05 -2.34
CA VAL B 132 18.10 -12.20 -0.94
C VAL B 132 19.36 -12.23 -0.09
N TYR B 133 19.41 -11.35 0.91
CA TYR B 133 20.55 -11.24 1.80
C TYR B 133 20.12 -11.45 3.24
N PRO B 134 20.81 -12.29 4.00
CA PRO B 134 20.43 -12.51 5.40
C PRO B 134 20.95 -11.39 6.29
N LEU B 135 20.10 -10.96 7.23
CA LEU B 135 20.43 -9.90 8.19
C LEU B 135 20.58 -10.55 9.56
N ALA B 136 21.81 -10.63 10.04
CA ALA B 136 22.11 -11.19 11.34
C ALA B 136 22.89 -10.19 12.18
N PRO B 137 22.69 -10.19 13.50
CA PRO B 137 23.41 -9.24 14.35
C PRO B 137 24.90 -9.54 14.39
N GLY B 138 25.71 -8.49 14.33
CA GLY B 138 27.15 -8.63 14.37
C GLY B 138 27.71 -8.57 15.78
N SER B 139 27.70 -9.70 16.48
CA SER B 139 28.20 -9.77 17.84
C SER B 139 27.41 -8.85 18.77
N ASN B 144 19.18 -8.82 25.80
CA ASN B 144 17.73 -8.89 25.63
C ASN B 144 17.31 -10.33 25.32
N SER B 145 16.26 -10.79 26.00
CA SER B 145 15.79 -12.15 25.79
C SER B 145 15.24 -12.36 24.38
N MET B 146 14.86 -11.30 23.69
CA MET B 146 14.34 -11.37 22.33
C MET B 146 15.42 -10.96 21.34
N VAL B 147 15.50 -11.70 20.24
CA VAL B 147 16.47 -11.42 19.18
C VAL B 147 15.70 -11.13 17.89
N THR B 148 16.15 -10.13 17.15
CA THR B 148 15.52 -9.72 15.90
C THR B 148 16.40 -10.13 14.73
N LEU B 149 15.80 -10.76 13.73
CA LEU B 149 16.47 -11.17 12.51
C LEU B 149 15.72 -10.63 11.32
N GLY B 150 16.28 -10.80 10.13
CA GLY B 150 15.64 -10.33 8.93
C GLY B 150 16.45 -10.70 7.70
N CYS B 151 15.80 -10.54 6.54
CA CYS B 151 16.43 -10.78 5.26
C CYS B 151 16.16 -9.59 4.34
N LEU B 152 17.12 -9.32 3.45
CA LEU B 152 17.06 -8.17 2.56
C LEU B 152 16.77 -8.66 1.15
N VAL B 153 15.68 -8.17 0.56
CA VAL B 153 15.31 -8.50 -0.81
C VAL B 153 15.53 -7.27 -1.67
N LYS B 154 16.75 -7.13 -2.20
CA LYS B 154 17.16 -5.93 -2.91
C LYS B 154 17.24 -6.19 -4.42
N GLY B 155 16.98 -5.14 -5.20
CA GLY B 155 17.14 -5.19 -6.63
C GLY B 155 16.26 -6.20 -7.34
N TYR B 156 15.00 -5.86 -7.54
CA TYR B 156 14.09 -6.71 -8.30
C TYR B 156 13.07 -5.84 -9.01
N PHE B 157 12.35 -6.44 -9.95
CA PHE B 157 11.34 -5.74 -10.73
C PHE B 157 10.61 -6.70 -11.66
N PRO B 158 9.28 -6.56 -11.76
CA PRO B 158 8.51 -5.58 -10.99
C PRO B 158 7.87 -6.20 -9.75
N GLU B 159 6.78 -5.60 -9.27
CA GLU B 159 6.02 -6.14 -8.16
C GLU B 159 5.16 -7.31 -8.64
N PRO B 160 4.65 -8.11 -7.70
CA PRO B 160 4.89 -7.96 -6.26
C PRO B 160 5.99 -8.87 -5.75
N VAL B 161 6.11 -8.98 -4.43
CA VAL B 161 7.09 -9.86 -3.79
C VAL B 161 6.49 -10.36 -2.48
N THR B 162 6.73 -11.62 -2.17
CA THR B 162 6.20 -12.24 -0.97
C THR B 162 7.35 -12.74 -0.09
N VAL B 163 7.10 -12.79 1.21
CA VAL B 163 8.10 -13.21 2.18
C VAL B 163 7.39 -13.91 3.34
N THR B 164 7.97 -15.00 3.80
CA THR B 164 7.48 -15.71 4.97
C THR B 164 8.67 -16.29 5.74
N TRP B 165 8.48 -16.48 7.04
CA TRP B 165 9.52 -16.98 7.93
C TRP B 165 9.16 -18.38 8.39
N ASN B 166 10.11 -19.32 8.23
CA ASN B 166 9.90 -20.72 8.59
C ASN B 166 8.63 -21.26 7.97
N SER B 167 8.42 -20.95 6.69
CA SER B 167 7.28 -21.46 5.93
C SER B 167 5.95 -21.09 6.59
N GLY B 168 5.84 -19.82 6.96
CA GLY B 168 4.62 -19.30 7.55
C GLY B 168 4.37 -19.66 8.99
N SER B 169 5.17 -20.57 9.56
CA SER B 169 5.00 -20.94 10.96
C SER B 169 5.45 -19.87 11.93
N LEU B 170 5.88 -18.71 11.44
CA LEU B 170 6.29 -17.58 12.28
C LEU B 170 5.46 -16.37 11.87
N SER B 171 4.27 -16.23 12.48
CA SER B 171 3.40 -15.10 12.18
C SER B 171 3.67 -13.91 13.11
N SER B 172 3.81 -14.16 14.40
CA SER B 172 4.06 -13.09 15.35
C SER B 172 5.49 -12.58 15.22
N GLY B 173 5.68 -11.29 15.47
CA GLY B 173 6.98 -10.66 15.40
C GLY B 173 7.51 -10.41 14.01
N VAL B 174 6.76 -10.75 12.97
CA VAL B 174 7.19 -10.57 11.60
C VAL B 174 6.77 -9.18 11.12
N HIS B 175 7.63 -8.56 10.32
CA HIS B 175 7.34 -7.23 9.77
C HIS B 175 7.92 -7.16 8.37
N THR B 176 7.06 -7.05 7.37
CA THR B 176 7.47 -6.91 5.98
C THR B 176 7.20 -5.48 5.55
N PHE B 177 8.27 -4.70 5.37
CA PHE B 177 8.14 -3.29 5.07
C PHE B 177 7.91 -3.07 3.57
N PRO B 178 7.05 -2.13 3.20
CA PRO B 178 6.79 -1.88 1.78
C PRO B 178 8.09 -1.58 1.02
N ALA B 179 8.17 -2.09 -0.19
CA ALA B 179 9.37 -1.89 -1.00
C ALA B 179 9.53 -0.41 -1.35
N VAL B 180 10.75 -0.07 -1.77
CA VAL B 180 11.09 1.30 -2.17
C VAL B 180 11.68 1.25 -3.57
N LEU B 181 11.22 2.16 -4.44
CA LEU B 181 11.67 2.22 -5.82
C LEU B 181 12.73 3.30 -5.96
N GLN B 182 13.89 2.92 -6.51
CA GLN B 182 14.98 3.87 -6.73
C GLN B 182 15.81 3.35 -7.90
N SER B 183 15.78 4.09 -9.01
CA SER B 183 16.57 3.74 -10.20
C SER B 183 16.04 2.46 -10.85
N ASP B 184 14.73 2.41 -11.08
CA ASP B 184 14.09 1.31 -11.78
C ASP B 184 14.35 -0.02 -11.09
N LEU B 185 14.40 -0.01 -9.76
CA LEU B 185 14.64 -1.22 -8.98
C LEU B 185 13.97 -1.08 -7.62
N TYR B 186 13.31 -2.14 -7.18
CA TYR B 186 12.68 -2.20 -5.88
C TYR B 186 13.59 -2.87 -4.86
N THR B 187 13.38 -2.52 -3.59
CA THR B 187 14.13 -3.12 -2.49
C THR B 187 13.21 -3.26 -1.30
N LEU B 188 13.11 -4.47 -0.75
CA LEU B 188 12.24 -4.76 0.38
C LEU B 188 13.04 -5.43 1.48
N SER B 189 12.57 -5.25 2.72
CA SER B 189 13.18 -5.87 3.88
C SER B 189 12.09 -6.39 4.81
N SER B 190 12.43 -7.41 5.58
CA SER B 190 11.50 -8.01 6.53
C SER B 190 12.26 -8.48 7.75
N SER B 191 11.71 -8.19 8.92
CA SER B 191 12.33 -8.55 10.19
C SER B 191 11.43 -9.51 10.96
N VAL B 192 12.04 -10.29 11.83
CA VAL B 192 11.34 -11.25 12.68
C VAL B 192 11.98 -11.24 14.05
N THR B 193 11.16 -11.32 15.10
CA THR B 193 11.62 -11.32 16.47
C THR B 193 11.25 -12.65 17.12
N VAL B 194 12.23 -13.29 17.75
CA VAL B 194 12.02 -14.59 18.40
C VAL B 194 12.78 -14.61 19.71
N PRO B 195 12.39 -15.53 20.61
CA PRO B 195 13.11 -15.64 21.88
C PRO B 195 14.56 -16.04 21.67
N SER B 196 15.43 -15.52 22.53
CA SER B 196 16.86 -15.83 22.42
C SER B 196 17.14 -17.32 22.58
N SER B 197 16.23 -18.06 23.22
CA SER B 197 16.43 -19.50 23.37
C SER B 197 16.25 -20.25 22.06
N THR B 198 15.47 -19.69 21.14
CA THR B 198 15.20 -20.35 19.86
C THR B 198 16.26 -20.06 18.79
N TRP B 199 17.12 -19.07 19.01
CA TRP B 199 18.16 -18.75 18.04
C TRP B 199 19.45 -18.33 18.74
N PRO B 200 20.60 -18.77 18.22
CA PRO B 200 20.69 -19.63 17.04
C PRO B 200 20.58 -21.12 17.36
N SER B 201 19.94 -21.45 18.49
CA SER B 201 19.79 -22.86 18.86
C SER B 201 18.97 -23.62 17.83
N GLU B 202 18.08 -22.94 17.12
CA GLU B 202 17.27 -23.53 16.06
C GLU B 202 17.48 -22.76 14.77
N THR B 203 16.80 -23.21 13.72
CA THR B 203 16.98 -22.66 12.37
C THR B 203 15.85 -21.70 12.04
N VAL B 204 16.20 -20.50 11.61
CA VAL B 204 15.24 -19.48 11.18
C VAL B 204 15.50 -19.23 9.70
N THR B 205 14.52 -19.57 8.87
CA THR B 205 14.66 -19.47 7.42
C THR B 205 13.74 -18.39 6.87
N CYS B 206 14.22 -17.72 5.84
CA CYS B 206 13.50 -16.63 5.18
C CYS B 206 13.05 -17.10 3.80
N ASN B 207 11.75 -17.03 3.55
CA ASN B 207 11.14 -17.51 2.32
C ASN B 207 10.76 -16.31 1.45
N VAL B 208 11.45 -16.15 0.32
CA VAL B 208 11.19 -15.06 -0.61
C VAL B 208 10.72 -15.66 -1.93
N ALA B 209 9.71 -15.04 -2.54
CA ALA B 209 9.15 -15.50 -3.80
C ALA B 209 8.88 -14.31 -4.69
N HIS B 210 9.29 -14.41 -5.95
CA HIS B 210 9.09 -13.35 -6.94
C HIS B 210 8.36 -13.92 -8.14
N PRO B 211 7.03 -13.79 -8.20
CA PRO B 211 6.29 -14.34 -9.36
C PRO B 211 6.71 -13.76 -10.68
N ALA B 212 7.04 -12.46 -10.72
CA ALA B 212 7.43 -11.82 -11.98
C ALA B 212 8.59 -12.56 -12.62
N SER B 213 9.72 -12.64 -11.91
CA SER B 213 10.88 -13.38 -12.42
C SER B 213 10.74 -14.88 -12.23
N SER B 214 9.69 -15.34 -11.56
CA SER B 214 9.46 -16.78 -11.35
C SER B 214 10.61 -17.40 -10.56
N THR B 215 11.07 -16.70 -9.53
CA THR B 215 12.17 -17.17 -8.69
C THR B 215 11.70 -17.31 -7.25
N LYS B 216 12.31 -18.26 -6.54
CA LYS B 216 11.98 -18.53 -5.15
C LYS B 216 13.23 -18.98 -4.43
N VAL B 217 13.56 -18.31 -3.33
CA VAL B 217 14.81 -18.53 -2.61
C VAL B 217 14.51 -18.76 -1.14
N ASP B 218 15.22 -19.71 -0.54
CA ASP B 218 15.18 -19.96 0.90
C ASP B 218 16.57 -19.69 1.47
N LYS B 219 16.63 -18.84 2.49
CA LYS B 219 17.89 -18.44 3.09
C LYS B 219 17.83 -18.60 4.60
N LYS B 220 18.86 -19.21 5.17
CA LYS B 220 18.97 -19.34 6.61
C LYS B 220 19.68 -18.14 7.21
N ILE B 221 19.46 -17.92 8.50
CA ILE B 221 20.10 -16.83 9.22
C ILE B 221 21.16 -17.40 10.15
N VAL B 222 22.37 -17.59 9.63
CA VAL B 222 23.47 -18.15 10.41
C VAL B 222 24.02 -17.06 11.33
N PRO B 223 24.42 -17.41 12.56
CA PRO B 223 24.99 -16.39 13.45
C PRO B 223 26.25 -15.77 12.87
N ARG B 224 26.71 -14.71 13.52
CA ARG B 224 27.86 -13.95 13.05
C ARG B 224 27.52 -13.15 11.80
S SO4 C . 26.08 13.32 3.31
O1 SO4 C . 25.79 14.71 2.94
O2 SO4 C . 25.89 12.46 2.14
O3 SO4 C . 27.45 13.20 3.77
O4 SO4 C . 25.16 12.90 4.37
C1 4IB D . -23.34 6.60 -15.42
C2 4IB D . -21.97 5.11 -13.51
C3 4IB D . -21.95 6.75 -15.32
C4 4IB D . -24.04 5.72 -14.57
C5 4IB D . -23.35 4.97 -13.61
C6 4IB D . -21.27 5.99 -14.35
C7 4IB D . -21.20 7.74 -16.27
C8 4IB D . -21.39 9.14 -15.64
C9 4IB D . -19.67 7.51 -16.32
C10 4IB D . -21.71 7.63 -17.72
C11 4IB D . -22.61 7.38 -20.41
C12 4IB D . -21.81 6.36 -18.35
C13 4IB D . -22.06 8.76 -18.48
C14 4IB D . -22.51 8.64 -19.81
C15 4IB D . -22.27 6.25 -19.67
O1 4IB D . -23.05 7.25 -21.69
O2 4IB D . -24.01 4.10 -12.78
I1 4IB D . -23.02 10.39 -20.85
I2 4IB D . -22.40 4.33 -20.50
I3 4IB D . -20.85 4.04 -12.09
I4 4IB D . -26.11 5.54 -14.78
H2 4IB D . -23.90 7.17 -16.16
H1 4IB D . -20.20 6.08 -14.23
H5 4IB D . -20.81 9.90 -16.18
H4 4IB D . -21.04 9.16 -14.60
H3 4IB D . -22.44 9.45 -15.63
H7 4IB D . -19.19 8.21 -17.01
H8 4IB D . -19.40 6.50 -16.65
H6 4IB D . -19.20 7.66 -15.34
H11 4IB D . -21.55 5.47 -17.80
H9 4IB D . -21.99 9.76 -18.05
H10 4IB D . -24.01 7.42 -21.72
H12 4IB D . -24.31 4.61 -12.00
#